data_4BTJ
#
_entry.id   4BTJ
#
_cell.length_a   125.980
_cell.length_b   110.020
_cell.length_c   110.550
_cell.angle_alpha   90.00
_cell.angle_beta   93.85
_cell.angle_gamma   90.00
#
_symmetry.space_group_name_H-M   'C 1 2 1'
#
loop_
_entity.id
_entity.type
_entity.pdbx_description
1 polymer 'TAU-TUBULIN KINASE 1'
2 non-polymer "ADENOSINE-5'-DIPHOSPHATE"
3 non-polymer 'PHOSPHATE ION'
4 non-polymer "ADENOSINE-5'-TRIPHOSPHATE"
5 water water
#
_entity_poly.entity_id   1
_entity_poly.type   'polypeptide(L)'
_entity_poly.pdbx_seq_one_letter_code
;MHHHHHHSSGVDLGTENLYFQSNAMQCLAAALKDETNMSGGGEQADILPANYVVKDRWKVLKKIGGGGFGEIYEAMDLLT
RENVALKVESAQQPKQVLKMEVAVLKKLQGKDHVCRFIGCGRNEKFNYVVMQLQGRNLADLRRSQPRGTFTLSTTLRLGK
QILESIEAIHSVGFLHRDIKPSNFAMGRLPSTYRKCYMLDFGLARQYTNTTGDVRPPRNVAGFRGTVRYASVNAHKNREM
GRHDDLWSLFYMLVEFAVGQLPWRKIKDKEQVGMIKEKYEHRMLLKHMPSEFHLFLDHIASLDYFTKPDYQLIMSVFENS
MKERGIAENEAFDWEKA
;
_entity_poly.pdbx_strand_id   A,B
#
loop_
_chem_comp.id
_chem_comp.type
_chem_comp.name
_chem_comp.formula
ADP non-polymer ADENOSINE-5'-DIPHOSPHATE 'C10 H15 N5 O10 P2'
ATP non-polymer ADENOSINE-5'-TRIPHOSPHATE 'C10 H16 N5 O13 P3'
PO4 non-polymer 'PHOSPHATE ION' 'O4 P -3'
#
# COMPACT_ATOMS: atom_id res chain seq x y z
N ALA A 45 -20.56 11.38 -14.76
CA ALA A 45 -21.91 11.23 -14.24
C ALA A 45 -21.90 11.26 -12.70
N ASP A 46 -22.49 12.33 -12.12
CA ASP A 46 -22.58 12.55 -10.66
C ASP A 46 -23.31 11.41 -9.95
N ILE A 47 -22.91 11.13 -8.69
CA ILE A 47 -23.57 10.13 -7.85
C ILE A 47 -25.04 10.55 -7.65
N LEU A 48 -25.29 11.85 -7.39
CA LEU A 48 -26.64 12.38 -7.20
C LEU A 48 -27.01 13.47 -8.22
N PRO A 49 -28.18 13.36 -8.89
CA PRO A 49 -28.58 14.41 -9.84
C PRO A 49 -29.23 15.60 -9.13
N ALA A 50 -29.36 16.75 -9.83
CA ALA A 50 -30.02 17.94 -9.27
C ALA A 50 -31.46 17.58 -8.87
N ASN A 51 -31.91 18.08 -7.71
CA ASN A 51 -33.25 17.82 -7.15
C ASN A 51 -33.46 16.44 -6.51
N TYR A 52 -32.44 15.56 -6.52
CA TYR A 52 -32.52 14.27 -5.82
C TYR A 52 -32.68 14.61 -4.33
N VAL A 53 -33.56 13.86 -3.63
CA VAL A 53 -33.84 14.08 -2.21
C VAL A 53 -33.33 12.91 -1.39
N VAL A 54 -32.45 13.20 -0.42
CA VAL A 54 -31.85 12.22 0.48
C VAL A 54 -32.66 12.12 1.75
N LYS A 55 -33.07 10.89 2.11
CA LYS A 55 -33.80 10.56 3.33
C LYS A 55 -35.00 11.51 3.59
N ASP A 56 -35.74 11.90 2.49
CA ASP A 56 -36.91 12.79 2.53
C ASP A 56 -36.62 14.12 3.25
N ARG A 57 -35.36 14.61 3.14
CA ARG A 57 -34.94 15.81 3.86
C ARG A 57 -33.96 16.67 3.10
N TRP A 58 -32.93 16.08 2.49
CA TRP A 58 -31.92 16.89 1.83
C TRP A 58 -32.01 16.86 0.35
N LYS A 59 -32.37 18.00 -0.24
CA LYS A 59 -32.53 18.14 -1.67
C LYS A 59 -31.28 18.73 -2.34
N VAL A 60 -30.67 17.94 -3.24
CA VAL A 60 -29.46 18.31 -3.99
C VAL A 60 -29.75 19.54 -4.87
N LEU A 61 -28.98 20.62 -4.68
CA LEU A 61 -29.12 21.82 -5.50
C LEU A 61 -28.05 21.80 -6.62
N LYS A 62 -26.76 21.61 -6.24
CA LYS A 62 -25.64 21.57 -7.19
C LYS A 62 -24.40 20.91 -6.57
N LYS A 63 -23.47 20.45 -7.42
CA LYS A 63 -22.20 19.87 -7.01
C LYS A 63 -21.27 21.04 -6.73
N ILE A 64 -20.66 21.06 -5.53
CA ILE A 64 -19.74 22.14 -5.13
C ILE A 64 -18.28 21.70 -4.96
N GLY A 65 -18.07 20.39 -4.98
CA GLY A 65 -16.73 19.82 -4.88
C GLY A 65 -16.69 18.33 -5.11
N GLY A 66 -15.47 17.81 -5.18
CA GLY A 66 -15.26 16.38 -5.35
C GLY A 66 -13.83 16.00 -5.58
N GLY A 67 -13.67 14.97 -6.40
CA GLY A 67 -12.40 14.38 -6.76
C GLY A 67 -12.18 13.10 -5.99
N GLY A 68 -11.29 13.18 -5.00
CA GLY A 68 -10.92 12.06 -4.15
C GLY A 68 -12.03 11.58 -3.24
N PHE A 69 -12.31 10.26 -3.30
CA PHE A 69 -13.27 9.51 -2.48
C PHE A 69 -14.78 9.76 -2.66
N GLY A 70 -15.17 10.65 -3.58
CA GLY A 70 -16.57 10.94 -3.83
C GLY A 70 -16.87 12.41 -4.14
N GLU A 71 -18.13 12.81 -3.92
CA GLU A 71 -18.58 14.17 -4.24
C GLU A 71 -19.28 14.91 -3.11
N ILE A 72 -19.24 16.23 -3.20
CA ILE A 72 -19.89 17.11 -2.25
C ILE A 72 -20.87 18.06 -2.94
N TYR A 73 -22.08 18.19 -2.38
CA TYR A 73 -23.15 19.01 -2.95
C TYR A 73 -23.62 20.05 -1.98
N GLU A 74 -24.18 21.13 -2.54
CA GLU A 74 -24.94 22.10 -1.76
C GLU A 74 -26.37 21.52 -1.85
N ALA A 75 -27.04 21.38 -0.71
CA ALA A 75 -28.39 20.86 -0.64
C ALA A 75 -29.28 21.75 0.23
N MET A 76 -30.59 21.74 -0.04
CA MET A 76 -31.53 22.46 0.81
C MET A 76 -32.07 21.46 1.83
N ASP A 77 -32.01 21.83 3.12
CA ASP A 77 -32.54 21.00 4.19
C ASP A 77 -34.05 21.32 4.27
N LEU A 78 -34.89 20.39 3.80
CA LEU A 78 -36.35 20.58 3.75
C LEU A 78 -37.04 20.64 5.12
N LEU A 79 -36.36 20.14 6.17
CA LEU A 79 -36.84 20.16 7.54
C LEU A 79 -36.51 21.47 8.27
N THR A 80 -35.29 22.04 8.04
CA THR A 80 -34.86 23.24 8.78
C THR A 80 -34.87 24.49 7.93
N ARG A 81 -34.93 24.33 6.59
CA ARG A 81 -34.92 25.43 5.62
C ARG A 81 -33.55 26.09 5.46
N GLU A 82 -32.47 25.41 5.90
CA GLU A 82 -31.14 25.97 5.70
C GLU A 82 -30.35 25.24 4.60
N ASN A 83 -29.48 25.98 3.89
CA ASN A 83 -28.61 25.39 2.88
C ASN A 83 -27.50 24.66 3.62
N VAL A 84 -27.22 23.44 3.21
CA VAL A 84 -26.24 22.58 3.89
C VAL A 84 -25.28 21.98 2.90
N ALA A 85 -24.22 21.31 3.42
CA ALA A 85 -23.26 20.58 2.60
C ALA A 85 -23.54 19.09 2.79
N LEU A 86 -23.70 18.40 1.68
CA LEU A 86 -23.98 16.96 1.64
C LEU A 86 -22.80 16.24 0.98
N LYS A 87 -22.07 15.44 1.77
CA LYS A 87 -20.89 14.73 1.28
C LYS A 87 -21.27 13.29 1.04
N VAL A 88 -21.02 12.80 -0.17
CA VAL A 88 -21.40 11.43 -0.52
C VAL A 88 -20.25 10.61 -1.12
N GLU A 89 -20.25 9.31 -0.85
CA GLU A 89 -19.33 8.36 -1.45
C GLU A 89 -20.14 7.16 -1.96
N SER A 90 -19.79 6.63 -3.14
CA SER A 90 -20.46 5.45 -3.71
C SER A 90 -20.23 4.24 -2.79
N ALA A 91 -21.26 3.39 -2.65
CA ALA A 91 -21.17 2.19 -1.82
C ALA A 91 -20.29 1.11 -2.47
N GLN A 92 -19.89 1.32 -3.74
CA GLN A 92 -19.05 0.39 -4.51
C GLN A 92 -17.59 0.88 -4.64
N GLN A 93 -17.19 1.79 -3.74
CA GLN A 93 -15.84 2.32 -3.66
C GLN A 93 -15.01 1.34 -2.80
N PRO A 94 -13.83 0.84 -3.25
CA PRO A 94 -13.06 -0.12 -2.42
C PRO A 94 -12.67 0.43 -1.03
N LYS A 95 -12.23 1.70 -0.98
CA LYS A 95 -11.90 2.35 0.29
C LYS A 95 -13.06 3.27 0.71
N GLN A 96 -13.78 2.89 1.75
CA GLN A 96 -14.94 3.62 2.28
C GLN A 96 -14.41 4.45 3.43
N VAL A 97 -14.43 5.78 3.31
CA VAL A 97 -13.88 6.68 4.31
C VAL A 97 -14.88 7.49 5.16
N LEU A 98 -16.19 7.51 4.77
CA LEU A 98 -17.22 8.27 5.48
C LEU A 98 -17.46 7.88 6.90
N LYS A 99 -17.22 6.61 7.24
CA LYS A 99 -17.34 6.09 8.61
C LYS A 99 -16.34 6.85 9.49
N MET A 100 -15.08 7.01 9.02
CA MET A 100 -14.03 7.76 9.72
C MET A 100 -14.42 9.24 9.80
N GLU A 101 -14.84 9.83 8.67
CA GLU A 101 -15.25 11.23 8.56
C GLU A 101 -16.31 11.59 9.59
N VAL A 102 -17.37 10.75 9.67
CA VAL A 102 -18.47 10.93 10.62
C VAL A 102 -17.97 10.88 12.06
N ALA A 103 -17.22 9.82 12.42
CA ALA A 103 -16.66 9.64 13.77
C ALA A 103 -15.85 10.85 14.22
N VAL A 104 -14.96 11.37 13.34
CA VAL A 104 -14.11 12.53 13.65
C VAL A 104 -14.94 13.82 13.74
N LEU A 105 -15.83 14.04 12.77
CA LEU A 105 -16.69 15.22 12.81
C LEU A 105 -17.53 15.31 14.10
N LYS A 106 -18.08 14.18 14.57
CA LYS A 106 -18.85 14.09 15.82
C LYS A 106 -17.96 14.36 17.01
N LYS A 107 -16.77 13.72 17.06
CA LYS A 107 -15.82 13.96 18.14
C LYS A 107 -15.37 15.43 18.23
N LEU A 108 -15.38 16.14 17.10
CA LEU A 108 -15.00 17.55 17.03
C LEU A 108 -16.11 18.57 17.38
N GLN A 109 -17.39 18.14 17.54
CA GLN A 109 -18.50 19.05 17.88
C GLN A 109 -18.20 19.80 19.19
N GLY A 110 -18.31 21.11 19.15
CA GLY A 110 -17.99 21.97 20.29
C GLY A 110 -16.69 22.74 20.10
N LYS A 111 -15.83 22.28 19.16
CA LYS A 111 -14.56 22.91 18.84
C LYS A 111 -14.76 24.03 17.82
N ASP A 112 -13.91 25.06 17.88
CA ASP A 112 -13.95 26.14 16.92
C ASP A 112 -13.39 25.61 15.56
N HIS A 113 -13.65 26.32 14.45
CA HIS A 113 -13.18 25.94 13.10
C HIS A 113 -13.75 24.60 12.60
N VAL A 114 -14.85 24.12 13.18
CA VAL A 114 -15.47 22.88 12.72
C VAL A 114 -16.95 23.04 12.34
N CYS A 115 -17.36 22.41 11.21
CA CYS A 115 -18.74 22.43 10.71
C CYS A 115 -19.63 21.75 11.73
N ARG A 116 -20.86 22.24 11.86
CA ARG A 116 -21.84 21.59 12.69
C ARG A 116 -22.27 20.33 11.96
N PHE A 117 -22.30 19.20 12.69
CA PHE A 117 -22.74 17.90 12.19
C PHE A 117 -24.28 17.97 12.09
N ILE A 118 -24.84 17.55 10.94
CA ILE A 118 -26.29 17.62 10.69
C ILE A 118 -26.93 16.24 10.62
N GLY A 119 -26.28 15.32 9.93
CA GLY A 119 -26.76 13.96 9.77
C GLY A 119 -25.83 13.11 8.95
N CYS A 120 -26.20 11.83 8.80
CA CYS A 120 -25.45 10.82 8.07
C CYS A 120 -26.34 9.61 7.87
N GLY A 121 -25.97 8.80 6.89
CA GLY A 121 -26.66 7.56 6.60
C GLY A 121 -25.91 6.71 5.61
N ARG A 122 -26.45 5.53 5.34
CA ARG A 122 -25.91 4.54 4.41
C ARG A 122 -27.02 3.75 3.73
N ASN A 123 -26.80 3.43 2.47
CA ASN A 123 -27.68 2.61 1.65
C ASN A 123 -26.84 1.85 0.62
N GLU A 124 -27.46 0.99 -0.20
CA GLU A 124 -26.84 0.13 -1.22
C GLU A 124 -26.13 0.91 -2.33
N LYS A 125 -26.55 2.15 -2.58
CA LYS A 125 -25.95 2.97 -3.65
C LYS A 125 -24.85 3.92 -3.16
N PHE A 126 -25.05 4.55 -1.98
CA PHE A 126 -24.14 5.56 -1.44
C PHE A 126 -24.19 5.70 0.09
N ASN A 127 -23.16 6.34 0.65
CA ASN A 127 -23.04 6.70 2.07
C ASN A 127 -23.01 8.21 2.07
N TYR A 128 -23.46 8.85 3.14
CA TYR A 128 -23.47 10.32 3.15
C TYR A 128 -23.29 10.92 4.54
N VAL A 129 -22.84 12.20 4.57
CA VAL A 129 -22.66 13.04 5.76
C VAL A 129 -23.27 14.36 5.37
N VAL A 130 -23.95 14.97 6.32
CA VAL A 130 -24.59 16.27 6.15
C VAL A 130 -23.99 17.16 7.22
N MET A 131 -23.60 18.35 6.82
CA MET A 131 -22.93 19.26 7.73
C MET A 131 -23.20 20.69 7.33
N GLN A 132 -22.83 21.62 8.21
CA GLN A 132 -22.92 23.06 7.96
C GLN A 132 -22.19 23.42 6.66
N LEU A 133 -22.85 24.24 5.83
CA LEU A 133 -22.32 24.70 4.57
C LEU A 133 -21.42 25.93 4.81
N GLN A 134 -20.24 25.93 4.20
CA GLN A 134 -19.30 27.05 4.31
C GLN A 134 -19.14 27.73 2.95
N GLY A 135 -18.23 28.70 2.88
CA GLY A 135 -17.94 29.43 1.65
C GLY A 135 -16.81 28.81 0.85
N ARG A 136 -16.04 29.66 0.19
CA ARG A 136 -14.93 29.26 -0.67
C ARG A 136 -13.71 28.69 0.07
N ASN A 137 -13.05 27.72 -0.55
CA ASN A 137 -11.84 27.10 0.03
C ASN A 137 -10.59 27.98 -0.23
N LEU A 138 -9.53 27.78 0.57
CA LEU A 138 -8.29 28.58 0.49
C LEU A 138 -7.50 28.42 -0.79
N ALA A 139 -7.59 27.27 -1.48
CA ALA A 139 -6.89 27.01 -2.74
C ALA A 139 -7.54 27.86 -3.84
N ASP A 140 -8.89 27.86 -3.86
CA ASP A 140 -9.68 28.67 -4.78
C ASP A 140 -9.39 30.16 -4.48
N LEU A 141 -9.46 30.59 -3.21
CA LEU A 141 -9.17 31.98 -2.83
C LEU A 141 -7.73 32.39 -3.19
N ARG A 142 -6.73 31.49 -3.03
CA ARG A 142 -5.35 31.84 -3.41
C ARG A 142 -5.22 32.00 -4.93
N ARG A 143 -5.77 31.05 -5.71
CA ARG A 143 -5.69 31.05 -7.16
C ARG A 143 -6.33 32.30 -7.77
N SER A 144 -7.36 32.84 -7.10
CA SER A 144 -8.07 34.04 -7.50
C SER A 144 -7.28 35.34 -7.20
N GLN A 145 -6.19 35.26 -6.42
CA GLN A 145 -5.33 36.41 -6.13
C GLN A 145 -4.52 36.80 -7.38
N PRO A 146 -4.27 38.13 -7.62
CA PRO A 146 -3.55 38.53 -8.84
C PRO A 146 -2.27 37.77 -9.20
N ARG A 147 -1.41 37.49 -8.20
CA ARG A 147 -0.14 36.79 -8.40
C ARG A 147 -0.14 35.40 -7.77
N GLY A 148 -1.30 34.93 -7.33
CA GLY A 148 -1.47 33.65 -6.67
C GLY A 148 -0.84 33.65 -5.29
N THR A 149 -0.74 34.84 -4.67
CA THR A 149 -0.14 35.00 -3.35
C THR A 149 -1.07 35.76 -2.46
N PHE A 150 -1.03 35.46 -1.17
CA PHE A 150 -1.79 36.25 -0.21
C PHE A 150 -0.80 37.23 0.38
N THR A 151 -1.29 38.32 1.02
CA THR A 151 -0.40 39.23 1.72
C THR A 151 0.07 38.47 2.99
N LEU A 152 1.10 38.98 3.67
CA LEU A 152 1.60 38.41 4.91
C LEU A 152 0.53 38.48 5.98
N SER A 153 -0.26 39.56 5.97
CA SER A 153 -1.37 39.74 6.88
C SER A 153 -2.37 38.57 6.78
N THR A 154 -2.87 38.28 5.58
CA THR A 154 -3.82 37.18 5.34
C THR A 154 -3.15 35.84 5.69
N THR A 155 -1.90 35.62 5.20
CA THR A 155 -1.13 34.39 5.42
C THR A 155 -1.01 34.07 6.92
N LEU A 156 -0.58 35.06 7.72
CA LEU A 156 -0.38 34.89 9.15
C LEU A 156 -1.65 34.69 9.92
N ARG A 157 -2.71 35.41 9.53
CA ARG A 157 -4.01 35.27 10.18
C ARG A 157 -4.66 33.93 9.88
N LEU A 158 -4.49 33.42 8.65
CA LEU A 158 -4.97 32.09 8.26
C LEU A 158 -4.15 31.04 9.00
N GLY A 159 -2.83 31.25 9.11
CA GLY A 159 -1.91 30.35 9.81
C GLY A 159 -2.33 30.10 11.25
N LYS A 160 -2.72 31.16 11.98
CA LYS A 160 -3.21 31.08 13.37
C LYS A 160 -4.43 30.19 13.48
N GLN A 161 -5.42 30.40 12.59
CA GLN A 161 -6.68 29.65 12.57
C GLN A 161 -6.46 28.19 12.20
N ILE A 162 -5.57 27.92 11.22
CA ILE A 162 -5.27 26.54 10.81
C ILE A 162 -4.53 25.81 11.94
N LEU A 163 -3.56 26.48 12.58
CA LEU A 163 -2.85 25.90 13.71
C LEU A 163 -3.84 25.52 14.86
N GLU A 164 -4.81 26.41 15.16
CA GLU A 164 -5.86 26.15 16.15
C GLU A 164 -6.70 24.93 15.76
N SER A 165 -7.04 24.81 14.46
CA SER A 165 -7.79 23.66 13.91
C SER A 165 -6.99 22.39 14.10
N ILE A 166 -5.67 22.45 13.82
CA ILE A 166 -4.78 21.27 13.92
C ILE A 166 -4.67 20.82 15.37
N GLU A 167 -4.50 21.78 16.28
CA GLU A 167 -4.46 21.48 17.70
C GLU A 167 -5.80 20.90 18.18
N ALA A 168 -6.94 21.41 17.67
CA ALA A 168 -8.29 20.90 18.02
C ALA A 168 -8.47 19.40 17.65
N ILE A 169 -8.11 19.01 16.41
CA ILE A 169 -8.19 17.59 15.97
C ILE A 169 -7.23 16.70 16.77
N HIS A 170 -6.00 17.18 17.02
CA HIS A 170 -5.05 16.38 17.80
C HIS A 170 -5.53 16.21 19.25
N SER A 171 -6.23 17.23 19.80
CA SER A 171 -6.74 17.17 21.17
C SER A 171 -7.84 16.10 21.40
N VAL A 172 -8.50 15.66 20.30
CA VAL A 172 -9.51 14.60 20.38
C VAL A 172 -8.94 13.23 20.00
N GLY A 173 -7.62 13.15 19.82
CA GLY A 173 -6.90 11.92 19.56
C GLY A 173 -6.72 11.52 18.10
N PHE A 174 -6.92 12.45 17.16
CA PHE A 174 -6.80 12.15 15.75
C PHE A 174 -5.78 12.98 14.99
N LEU A 175 -5.15 12.37 13.98
CA LEU A 175 -4.29 13.06 13.01
C LEU A 175 -5.17 13.34 11.81
N HIS A 176 -4.99 14.49 11.14
CA HIS A 176 -5.78 14.83 9.96
C HIS A 176 -5.22 14.06 8.75
N ARG A 177 -3.89 14.21 8.51
CA ARG A 177 -3.09 13.54 7.45
C ARG A 177 -3.32 14.07 6.03
N ASP A 178 -4.29 14.97 5.85
CA ASP A 178 -4.54 15.53 4.53
C ASP A 178 -4.68 17.05 4.59
N ILE A 179 -3.81 17.70 5.38
CA ILE A 179 -3.82 19.16 5.55
C ILE A 179 -3.39 19.79 4.21
N LYS A 180 -4.25 20.62 3.65
CA LYS A 180 -4.04 21.30 2.36
C LYS A 180 -4.99 22.51 2.23
N PRO A 181 -4.70 23.50 1.34
CA PRO A 181 -5.58 24.69 1.27
C PRO A 181 -7.03 24.40 0.91
N SER A 182 -7.29 23.41 0.03
CA SER A 182 -8.67 23.08 -0.37
C SER A 182 -9.49 22.41 0.75
N ASN A 183 -8.83 21.95 1.84
CA ASN A 183 -9.51 21.41 3.03
C ASN A 183 -9.74 22.45 4.12
N PHE A 184 -9.69 23.73 3.73
CA PHE A 184 -10.00 24.85 4.61
C PHE A 184 -10.89 25.81 3.86
N ALA A 185 -12.00 26.21 4.47
CA ALA A 185 -12.99 27.09 3.84
C ALA A 185 -13.43 28.20 4.78
N MET A 186 -13.67 29.37 4.22
CA MET A 186 -14.13 30.51 5.02
C MET A 186 -15.64 30.37 5.22
N GLY A 187 -16.17 30.97 6.28
CA GLY A 187 -17.60 30.98 6.55
C GLY A 187 -18.33 31.76 5.47
N ARG A 188 -19.63 31.54 5.33
CA ARG A 188 -20.41 32.19 4.26
C ARG A 188 -21.48 33.17 4.80
N LEU A 189 -21.55 33.32 6.14
CA LEU A 189 -22.53 34.15 6.82
C LEU A 189 -21.88 35.40 7.41
N PRO A 190 -22.64 36.52 7.66
CA PRO A 190 -22.03 37.72 8.28
C PRO A 190 -21.36 37.45 9.63
N SER A 191 -21.85 36.45 10.37
CA SER A 191 -21.29 36.03 11.66
C SER A 191 -20.11 35.03 11.51
N THR A 192 -19.85 34.52 10.27
CA THR A 192 -18.80 33.49 10.06
C THR A 192 -17.78 33.76 8.94
N TYR A 193 -17.96 34.82 8.13
CA TYR A 193 -17.10 35.12 6.98
C TYR A 193 -15.59 35.37 7.28
N ARG A 194 -15.21 35.60 8.56
CA ARG A 194 -13.81 35.80 8.94
C ARG A 194 -13.27 34.58 9.72
N LYS A 195 -14.10 33.53 9.80
CA LYS A 195 -13.73 32.27 10.45
C LYS A 195 -13.36 31.26 9.38
N CYS A 196 -12.25 30.56 9.60
CA CYS A 196 -11.74 29.54 8.68
C CYS A 196 -12.07 28.16 9.28
N TYR A 197 -12.66 27.27 8.46
CA TYR A 197 -13.09 25.94 8.87
C TYR A 197 -12.25 24.83 8.27
N MET A 198 -11.88 23.88 9.11
CA MET A 198 -11.14 22.67 8.73
C MET A 198 -12.15 21.66 8.18
N LEU A 199 -11.82 21.11 7.01
CA LEU A 199 -12.68 20.11 6.35
C LEU A 199 -11.94 18.82 6.10
N ASP A 200 -12.73 17.76 5.74
CA ASP A 200 -12.27 16.46 5.25
C ASP A 200 -11.49 15.60 6.23
N PHE A 201 -12.21 14.74 6.94
CA PHE A 201 -11.64 13.86 7.95
C PHE A 201 -11.58 12.41 7.54
N GLY A 202 -11.80 12.13 6.25
CA GLY A 202 -11.82 10.77 5.72
C GLY A 202 -10.49 10.02 5.81
N LEU A 203 -9.36 10.74 5.78
CA LEU A 203 -8.02 10.13 5.84
C LEU A 203 -7.41 10.19 7.24
N ALA A 204 -8.21 10.56 8.23
CA ALA A 204 -7.79 10.67 9.61
C ALA A 204 -7.46 9.32 10.21
N ARG A 205 -6.59 9.34 11.22
CA ARG A 205 -6.18 8.16 11.95
C ARG A 205 -6.10 8.54 13.41
N GLN A 206 -6.63 7.67 14.28
CA GLN A 206 -6.58 7.87 15.72
C GLN A 206 -5.19 7.47 16.23
N TYR A 207 -4.43 8.41 16.81
CA TYR A 207 -3.10 8.08 17.32
C TYR A 207 -3.18 7.68 18.80
N THR A 208 -4.27 8.08 19.48
CA THR A 208 -4.47 7.67 20.88
C THR A 208 -5.29 6.37 20.90
N ASN A 209 -5.47 5.80 22.10
CA ASN A 209 -6.25 4.59 22.27
C ASN A 209 -7.31 4.84 23.38
N THR A 210 -8.13 3.82 23.69
CA THR A 210 -9.20 3.83 24.70
C THR A 210 -8.72 4.31 26.10
N THR A 211 -7.48 3.99 26.48
CA THR A 211 -6.93 4.33 27.80
C THR A 211 -6.26 5.71 27.92
N GLY A 212 -6.35 6.52 26.87
CA GLY A 212 -5.74 7.85 26.87
C GLY A 212 -4.24 7.87 26.62
N ASP A 213 -3.71 6.75 26.08
CA ASP A 213 -2.28 6.60 25.75
C ASP A 213 -2.06 6.72 24.23
N VAL A 214 -0.79 6.82 23.81
CA VAL A 214 -0.43 6.87 22.40
C VAL A 214 -0.04 5.47 21.94
N ARG A 215 -0.72 5.00 20.92
CA ARG A 215 -0.51 3.67 20.35
C ARG A 215 0.87 3.59 19.65
N PRO A 216 1.56 2.43 19.64
CA PRO A 216 2.84 2.38 18.93
C PRO A 216 2.64 2.65 17.43
N PRO A 217 3.62 3.30 16.75
CA PRO A 217 3.48 3.48 15.30
C PRO A 217 3.70 2.14 14.59
N ARG A 218 3.10 1.94 13.42
CA ARG A 218 3.38 0.72 12.64
C ARG A 218 4.80 0.87 12.06
N ASN A 219 5.46 -0.25 11.75
CA ASN A 219 6.81 -0.23 11.18
C ASN A 219 6.78 0.39 9.77
N VAL A 220 5.62 0.36 9.13
CA VAL A 220 5.44 0.94 7.80
C VAL A 220 4.00 1.44 7.65
N ALA A 221 3.78 2.49 6.85
CA ALA A 221 2.39 2.94 6.63
C ALA A 221 2.21 3.39 5.19
N GLY A 222 1.10 2.99 4.57
CA GLY A 222 0.78 3.41 3.22
C GLY A 222 0.68 4.92 3.13
N PHE A 223 1.08 5.50 2.00
CA PHE A 223 1.02 6.94 1.78
C PHE A 223 -0.41 7.46 1.83
N ARG A 224 -0.60 8.51 2.60
CA ARG A 224 -1.90 9.16 2.81
C ARG A 224 -1.71 10.66 2.64
N GLY A 225 -2.71 11.29 2.05
CA GLY A 225 -2.70 12.72 1.84
C GLY A 225 -2.28 13.14 0.45
N THR A 226 -2.05 14.42 0.31
CA THR A 226 -1.66 15.06 -0.94
C THR A 226 -0.17 14.92 -1.09
N VAL A 227 0.31 14.93 -2.33
CA VAL A 227 1.72 14.83 -2.65
C VAL A 227 2.37 16.18 -2.35
N ARG A 228 1.73 17.30 -2.73
CA ARG A 228 2.36 18.61 -2.56
C ARG A 228 2.68 19.00 -1.12
N TYR A 229 1.81 18.66 -0.17
CA TYR A 229 1.95 19.07 1.22
C TYR A 229 2.44 18.03 2.17
N ALA A 230 2.72 16.81 1.69
CA ALA A 230 3.22 15.74 2.57
C ALA A 230 4.63 16.03 3.06
N SER A 231 4.91 15.66 4.34
CA SER A 231 6.25 15.79 4.91
C SER A 231 7.15 14.71 4.30
N VAL A 232 8.46 14.89 4.42
CA VAL A 232 9.44 13.91 3.97
C VAL A 232 9.15 12.52 4.65
N ASN A 233 8.79 12.50 5.95
CA ASN A 233 8.46 11.28 6.70
C ASN A 233 7.31 10.52 6.04
N ALA A 234 6.26 11.25 5.60
CA ALA A 234 5.12 10.66 4.88
C ALA A 234 5.59 10.02 3.58
N HIS A 235 6.45 10.75 2.82
CA HIS A 235 7.06 10.22 1.57
C HIS A 235 7.82 8.89 1.78
N LYS A 236 8.45 8.71 2.97
CA LYS A 236 9.25 7.53 3.35
C LYS A 236 8.40 6.38 3.88
N ASN A 237 7.06 6.51 3.84
CA ASN A 237 6.13 5.51 4.37
C ASN A 237 6.29 5.27 5.86
N ARG A 238 6.65 6.33 6.59
CA ARG A 238 6.71 6.23 8.04
C ARG A 238 5.34 6.51 8.59
N GLU A 239 5.05 6.01 9.81
CA GLU A 239 3.78 6.30 10.47
C GLU A 239 3.71 7.82 10.66
N MET A 240 2.60 8.41 10.24
CA MET A 240 2.44 9.84 10.39
C MET A 240 2.12 10.22 11.81
N GLY A 241 2.63 11.36 12.24
CA GLY A 241 2.42 11.91 13.57
C GLY A 241 1.83 13.30 13.53
N ARG A 242 1.66 13.91 14.70
CA ARG A 242 1.10 15.26 14.85
C ARG A 242 1.97 16.31 14.12
N HIS A 243 3.28 16.09 14.12
CA HIS A 243 4.29 16.96 13.49
C HIS A 243 4.11 17.00 11.97
N ASP A 244 3.62 15.89 11.35
CA ASP A 244 3.38 15.80 9.91
C ASP A 244 2.25 16.71 9.44
N ASP A 245 1.22 16.90 10.29
CA ASP A 245 0.13 17.85 10.00
C ASP A 245 0.69 19.27 10.07
N LEU A 246 1.63 19.52 11.00
CA LEU A 246 2.33 20.81 11.13
C LEU A 246 3.30 21.04 9.98
N TRP A 247 3.91 19.98 9.40
CA TRP A 247 4.74 20.12 8.18
C TRP A 247 3.85 20.62 7.00
N SER A 248 2.66 20.03 6.83
CA SER A 248 1.71 20.44 5.79
C SER A 248 1.32 21.92 5.95
N LEU A 249 1.04 22.36 7.20
CA LEU A 249 0.77 23.80 7.49
C LEU A 249 2.01 24.64 7.10
N PHE A 250 3.22 24.19 7.48
CA PHE A 250 4.44 24.93 7.11
C PHE A 250 4.53 25.16 5.59
N TYR A 251 4.36 24.09 4.77
CA TYR A 251 4.38 24.20 3.31
C TYR A 251 3.27 25.08 2.75
N MET A 252 2.03 24.98 3.32
CA MET A 252 0.89 25.80 2.89
C MET A 252 1.20 27.29 3.05
N LEU A 253 1.76 27.68 4.20
CA LEU A 253 2.08 29.07 4.50
C LEU A 253 3.16 29.66 3.59
N VAL A 254 4.16 28.84 3.23
CA VAL A 254 5.21 29.23 2.29
C VAL A 254 4.53 29.45 0.92
N GLU A 255 3.68 28.52 0.50
CA GLU A 255 2.94 28.62 -0.76
C GLU A 255 2.04 29.88 -0.79
N PHE A 256 1.37 30.19 0.32
CA PHE A 256 0.50 31.37 0.43
C PHE A 256 1.32 32.67 0.23
N ALA A 257 2.45 32.80 0.94
CA ALA A 257 3.24 34.02 0.90
C ALA A 257 4.10 34.17 -0.35
N VAL A 258 4.61 33.05 -0.90
CA VAL A 258 5.52 33.04 -2.05
C VAL A 258 4.82 32.76 -3.38
N GLY A 259 3.69 32.04 -3.33
CA GLY A 259 2.86 31.73 -4.49
C GLY A 259 3.13 30.38 -5.10
N GLN A 260 4.24 29.75 -4.71
CA GLN A 260 4.60 28.43 -5.24
C GLN A 260 5.54 27.69 -4.30
N LEU A 261 5.67 26.38 -4.53
CA LEU A 261 6.62 25.50 -3.84
C LEU A 261 7.58 24.97 -4.90
N PRO A 262 8.82 24.59 -4.54
CA PRO A 262 9.78 24.13 -5.57
C PRO A 262 9.34 22.91 -6.36
N TRP A 263 8.51 22.05 -5.75
CA TRP A 263 8.02 20.81 -6.35
C TRP A 263 6.61 20.94 -6.95
N ARG A 264 6.11 22.17 -7.10
CA ARG A 264 4.78 22.53 -7.65
C ARG A 264 4.36 21.76 -8.90
N LYS A 265 5.26 21.62 -9.89
CA LYS A 265 4.93 21.01 -11.19
C LYS A 265 5.08 19.51 -11.23
N ILE A 266 5.73 18.93 -10.24
CA ILE A 266 5.98 17.49 -10.25
C ILE A 266 4.81 16.74 -9.62
N LYS A 267 4.27 15.77 -10.37
CA LYS A 267 3.15 14.98 -9.91
C LYS A 267 3.58 13.69 -9.24
N ASP A 268 4.66 13.05 -9.74
CA ASP A 268 5.17 11.79 -9.19
C ASP A 268 5.60 11.90 -7.71
N LYS A 269 4.94 11.12 -6.84
CA LYS A 269 5.17 11.05 -5.40
C LYS A 269 6.67 10.90 -5.05
N GLU A 270 7.35 9.92 -5.66
CA GLU A 270 8.77 9.66 -5.42
C GLU A 270 9.71 10.80 -5.84
N GLN A 271 9.48 11.40 -7.00
CA GLN A 271 10.25 12.53 -7.52
C GLN A 271 10.08 13.71 -6.57
N VAL A 272 8.84 13.96 -6.09
CA VAL A 272 8.55 15.02 -5.12
C VAL A 272 9.32 14.79 -3.82
N GLY A 273 9.26 13.55 -3.31
CA GLY A 273 9.97 13.14 -2.10
C GLY A 273 11.47 13.36 -2.17
N MET A 274 12.07 13.10 -3.34
CA MET A 274 13.50 13.29 -3.61
C MET A 274 13.84 14.77 -3.60
N ILE A 275 12.97 15.62 -4.21
CA ILE A 275 13.17 17.06 -4.23
C ILE A 275 13.13 17.59 -2.80
N LYS A 276 12.08 17.23 -2.03
CA LYS A 276 11.92 17.65 -0.61
C LYS A 276 13.11 17.22 0.27
N GLU A 277 13.63 15.99 0.07
CA GLU A 277 14.78 15.47 0.83
C GLU A 277 16.05 16.28 0.55
N LYS A 278 16.29 16.55 -0.73
CA LYS A 278 17.47 17.26 -1.23
C LYS A 278 17.42 18.76 -0.93
N TYR A 279 16.21 19.36 -1.02
CA TYR A 279 15.99 20.79 -0.87
C TYR A 279 16.34 21.33 0.50
N GLU A 280 17.20 22.35 0.53
CA GLU A 280 17.61 23.00 1.77
C GLU A 280 16.40 23.81 2.27
N HIS A 281 15.66 23.25 3.27
CA HIS A 281 14.44 23.89 3.80
C HIS A 281 14.56 25.33 4.25
N ARG A 282 15.80 25.80 4.54
CA ARG A 282 16.06 27.20 4.89
C ARG A 282 15.80 28.13 3.69
N MET A 283 16.03 27.63 2.44
CA MET A 283 15.79 28.38 1.19
C MET A 283 14.27 28.71 1.06
N LEU A 284 13.37 27.89 1.68
CA LEU A 284 11.91 28.16 1.66
C LEU A 284 11.58 29.40 2.48
N LEU A 285 12.50 29.80 3.39
CA LEU A 285 12.31 30.96 4.27
C LEU A 285 12.83 32.28 3.75
N LYS A 286 13.40 32.31 2.53
CA LYS A 286 13.95 33.51 1.90
C LYS A 286 12.99 34.71 1.97
N HIS A 287 11.71 34.49 1.62
CA HIS A 287 10.72 35.54 1.62
C HIS A 287 9.72 35.44 2.77
N MET A 288 10.10 34.70 3.82
CA MET A 288 9.23 34.49 4.97
C MET A 288 9.65 35.35 6.17
N PRO A 289 8.74 35.65 7.14
CA PRO A 289 9.18 36.35 8.37
C PRO A 289 10.28 35.53 9.03
N SER A 290 11.29 36.22 9.59
CA SER A 290 12.46 35.58 10.22
C SER A 290 12.17 34.61 11.35
N GLU A 291 11.05 34.79 12.07
CA GLU A 291 10.72 33.83 13.12
C GLU A 291 10.29 32.46 12.58
N PHE A 292 10.05 32.35 11.26
CA PHE A 292 9.71 31.05 10.65
C PHE A 292 10.82 30.00 10.82
N HIS A 293 12.07 30.45 11.05
CA HIS A 293 13.22 29.56 11.35
C HIS A 293 12.94 28.76 12.61
N LEU A 294 12.29 29.39 13.60
CA LEU A 294 11.90 28.75 14.86
C LEU A 294 10.84 27.65 14.64
N PHE A 295 9.86 27.95 13.76
CA PHE A 295 8.77 27.03 13.37
C PHE A 295 9.42 25.80 12.67
N LEU A 296 10.24 26.04 11.64
CA LEU A 296 10.95 25.01 10.90
C LEU A 296 11.82 24.10 11.78
N ASP A 297 12.66 24.69 12.63
CA ASP A 297 13.56 23.94 13.54
C ASP A 297 12.77 23.07 14.51
N HIS A 298 11.68 23.64 15.08
CA HIS A 298 10.84 22.88 15.99
C HIS A 298 10.25 21.67 15.31
N ILE A 299 9.60 21.84 14.16
CA ILE A 299 8.98 20.68 13.48
C ILE A 299 10.00 19.65 12.97
N ALA A 300 11.18 20.13 12.49
CA ALA A 300 12.26 19.27 11.99
C ALA A 300 12.79 18.35 13.10
N SER A 301 12.76 18.79 14.37
CA SER A 301 13.25 18.07 15.55
C SER A 301 12.22 17.06 16.10
N LEU A 302 10.94 17.19 15.72
CA LEU A 302 9.89 16.32 16.24
C LEU A 302 9.88 14.94 15.59
N ASP A 303 9.30 13.95 16.28
CA ASP A 303 9.08 12.63 15.73
C ASP A 303 7.64 12.29 16.08
N TYR A 304 7.20 11.07 15.77
CA TYR A 304 5.87 10.55 16.04
C TYR A 304 5.49 10.63 17.52
N PHE A 305 6.46 10.37 18.42
CA PHE A 305 6.23 10.24 19.86
C PHE A 305 6.07 11.55 20.63
N THR A 306 6.68 12.62 20.15
CA THR A 306 6.72 13.90 20.85
C THR A 306 5.58 14.83 20.52
N LYS A 307 4.84 15.26 21.56
CA LYS A 307 3.76 16.24 21.42
C LYS A 307 4.36 17.56 20.90
N PRO A 308 3.81 18.15 19.82
CA PRO A 308 4.36 19.43 19.35
C PRO A 308 4.17 20.55 20.37
N ASP A 309 4.97 21.61 20.23
CA ASP A 309 4.83 22.78 21.08
C ASP A 309 4.03 23.77 20.22
N TYR A 310 2.73 23.62 20.23
CA TYR A 310 1.81 24.46 19.44
C TYR A 310 1.96 25.96 19.77
N GLN A 311 2.24 26.28 21.05
CA GLN A 311 2.41 27.66 21.52
C GLN A 311 3.64 28.32 20.94
N LEU A 312 4.73 27.55 20.75
CA LEU A 312 5.95 28.04 20.10
C LEU A 312 5.60 28.51 18.68
N ILE A 313 4.80 27.72 17.93
CA ILE A 313 4.40 28.05 16.55
C ILE A 313 3.46 29.26 16.55
N MET A 314 2.54 29.32 17.53
CA MET A 314 1.57 30.42 17.67
C MET A 314 2.33 31.74 17.92
N SER A 315 3.37 31.68 18.77
CA SER A 315 4.27 32.79 19.12
C SER A 315 4.98 33.31 17.87
N VAL A 316 5.40 32.40 16.95
CA VAL A 316 6.02 32.77 15.66
C VAL A 316 5.05 33.60 14.84
N PHE A 317 3.77 33.20 14.75
CA PHE A 317 2.77 33.92 13.96
C PHE A 317 2.47 35.29 14.58
N GLU A 318 2.27 35.32 15.90
CA GLU A 318 1.97 36.51 16.70
C GLU A 318 3.08 37.56 16.64
N ASN A 319 4.34 37.14 16.80
CA ASN A 319 5.48 38.06 16.70
C ASN A 319 5.67 38.56 15.29
N SER A 320 5.39 37.70 14.29
CA SER A 320 5.49 38.09 12.88
C SER A 320 4.47 39.18 12.55
N MET A 321 3.28 39.09 13.16
CA MET A 321 2.21 40.08 12.98
C MET A 321 2.57 41.40 13.68
N LYS A 322 2.95 41.34 14.98
CA LYS A 322 3.27 42.53 15.78
C LYS A 322 4.44 43.32 15.18
N GLU A 323 5.52 42.61 14.78
CA GLU A 323 6.72 43.22 14.16
C GLU A 323 6.45 43.98 12.86
N ARG A 324 5.30 43.68 12.24
CA ARG A 324 4.85 44.30 11.01
C ARG A 324 3.70 45.30 11.19
N GLY A 325 3.23 45.46 12.43
CA GLY A 325 2.09 46.34 12.70
C GLY A 325 0.79 45.81 12.12
N ILE A 326 0.66 44.46 12.04
CA ILE A 326 -0.54 43.80 11.52
C ILE A 326 -1.55 43.62 12.66
N ALA A 327 -2.76 44.19 12.48
CA ALA A 327 -3.87 44.07 13.42
C ALA A 327 -4.68 42.82 13.11
N GLU A 328 -5.19 42.14 14.15
CA GLU A 328 -6.03 40.95 14.03
C GLU A 328 -7.41 41.21 13.33
N ASN A 329 -7.89 42.47 13.32
CA ASN A 329 -9.19 42.88 12.77
C ASN A 329 -9.17 43.25 11.28
N GLU A 330 -8.00 43.21 10.65
CA GLU A 330 -7.82 43.56 9.24
C GLU A 330 -8.67 42.70 8.28
N ALA A 331 -9.07 43.29 7.15
CA ALA A 331 -9.84 42.56 6.16
C ALA A 331 -8.89 41.56 5.45
N PHE A 332 -9.46 40.41 5.02
CA PHE A 332 -8.72 39.40 4.28
C PHE A 332 -8.56 39.89 2.86
N ASP A 333 -7.53 39.42 2.14
CA ASP A 333 -7.28 39.86 0.76
C ASP A 333 -8.48 39.79 -0.19
N TRP A 334 -9.29 38.74 -0.09
CA TRP A 334 -10.44 38.52 -0.96
C TRP A 334 -11.62 39.47 -0.66
N GLU A 335 -11.65 40.10 0.52
CA GLU A 335 -12.71 41.04 0.89
C GLU A 335 -12.60 42.32 0.04
N LYS A 336 -11.34 42.74 -0.28
CA LYS A 336 -10.98 43.91 -1.08
C LYS A 336 -11.30 43.63 -2.57
N ALA B 45 20.33 -33.05 -24.72
CA ALA B 45 20.73 -34.32 -24.12
C ALA B 45 20.65 -34.28 -22.58
N ASP B 46 19.66 -35.00 -22.01
CA ASP B 46 19.42 -35.06 -20.56
C ASP B 46 20.65 -35.47 -19.76
N ILE B 47 20.83 -34.92 -18.55
CA ILE B 47 21.95 -35.27 -17.65
C ILE B 47 21.86 -36.76 -17.32
N LEU B 48 20.65 -37.26 -17.01
CA LEU B 48 20.47 -38.67 -16.67
C LEU B 48 19.55 -39.32 -17.68
N PRO B 49 19.97 -40.43 -18.31
CA PRO B 49 19.03 -41.11 -19.23
C PRO B 49 17.98 -41.91 -18.45
N ALA B 50 16.90 -42.33 -19.14
CA ALA B 50 15.88 -43.21 -18.59
C ALA B 50 16.60 -44.52 -18.12
N ASN B 51 16.12 -45.12 -17.02
CA ASN B 51 16.66 -46.37 -16.45
C ASN B 51 18.00 -46.29 -15.74
N TYR B 52 18.57 -45.07 -15.61
CA TYR B 52 19.77 -44.83 -14.83
C TYR B 52 19.33 -45.01 -13.36
N VAL B 53 20.14 -45.69 -12.54
CA VAL B 53 19.79 -45.91 -11.12
C VAL B 53 20.78 -45.18 -10.21
N VAL B 54 20.32 -44.07 -9.63
CA VAL B 54 21.14 -43.26 -8.72
C VAL B 54 21.35 -43.99 -7.41
N LYS B 55 22.63 -44.19 -7.03
CA LYS B 55 23.04 -44.85 -5.79
C LYS B 55 22.36 -46.22 -5.60
N ASP B 56 22.08 -46.95 -6.71
CA ASP B 56 21.42 -48.27 -6.69
C ASP B 56 20.07 -48.22 -5.93
N ARG B 57 19.40 -47.06 -5.98
CA ARG B 57 18.13 -46.85 -5.27
C ARG B 57 17.05 -46.14 -6.09
N TRP B 58 17.39 -45.01 -6.74
CA TRP B 58 16.43 -44.21 -7.50
C TRP B 58 16.58 -44.36 -9.01
N LYS B 59 15.66 -45.13 -9.61
CA LYS B 59 15.60 -45.44 -11.03
C LYS B 59 14.89 -44.33 -11.80
N VAL B 60 15.60 -43.65 -12.73
CA VAL B 60 15.01 -42.59 -13.54
C VAL B 60 13.92 -43.16 -14.43
N LEU B 61 12.72 -42.56 -14.41
CA LEU B 61 11.59 -42.99 -15.25
C LEU B 61 11.42 -42.04 -16.43
N LYS B 62 11.36 -40.72 -16.17
CA LYS B 62 11.24 -39.70 -17.21
C LYS B 62 11.62 -38.33 -16.70
N LYS B 63 11.86 -37.37 -17.62
CA LYS B 63 12.12 -35.98 -17.25
C LYS B 63 10.76 -35.31 -17.01
N ILE B 64 10.60 -34.61 -15.89
CA ILE B 64 9.35 -33.90 -15.59
C ILE B 64 9.48 -32.36 -15.65
N GLY B 65 10.68 -31.89 -15.91
CA GLY B 65 11.00 -30.47 -16.03
C GLY B 65 12.48 -30.21 -16.02
N GLY B 66 12.86 -28.96 -16.22
CA GLY B 66 14.26 -28.57 -16.15
C GLY B 66 14.90 -27.98 -17.38
N GLY B 67 15.51 -26.82 -17.16
CA GLY B 67 16.25 -26.05 -18.15
C GLY B 67 17.27 -25.15 -17.46
N GLY B 68 18.38 -24.90 -18.15
CA GLY B 68 19.46 -24.04 -17.68
C GLY B 68 20.18 -24.50 -16.43
N PHE B 69 19.56 -24.23 -15.25
CA PHE B 69 20.10 -24.57 -13.92
C PHE B 69 20.30 -26.06 -13.65
N GLY B 70 19.41 -26.89 -14.20
CA GLY B 70 19.44 -28.34 -14.02
C GLY B 70 18.22 -29.04 -14.56
N GLU B 71 17.99 -30.30 -14.12
CA GLU B 71 16.85 -31.09 -14.57
C GLU B 71 16.15 -31.82 -13.43
N ILE B 72 14.87 -32.10 -13.61
CA ILE B 72 14.06 -32.79 -12.62
C ILE B 72 13.37 -33.98 -13.26
N TYR B 73 13.44 -35.13 -12.56
CA TYR B 73 12.89 -36.39 -13.04
C TYR B 73 11.91 -37.00 -12.08
N GLU B 74 11.00 -37.80 -12.65
CA GLU B 74 10.17 -38.69 -11.86
C GLU B 74 11.04 -39.96 -11.80
N ALA B 75 11.22 -40.50 -10.60
CA ALA B 75 12.01 -41.68 -10.39
C ALA B 75 11.25 -42.64 -9.52
N MET B 76 11.64 -43.92 -9.61
CA MET B 76 11.05 -44.96 -8.81
C MET B 76 12.05 -45.26 -7.67
N ASP B 77 11.63 -45.06 -6.41
CA ASP B 77 12.45 -45.34 -5.24
C ASP B 77 12.37 -46.87 -5.05
N LEU B 78 13.42 -47.59 -5.45
CA LEU B 78 13.45 -49.06 -5.40
C LEU B 78 13.39 -49.66 -3.97
N LEU B 79 13.76 -48.85 -2.96
CA LEU B 79 13.71 -49.29 -1.57
C LEU B 79 12.30 -49.19 -0.99
N THR B 80 11.61 -48.08 -1.21
CA THR B 80 10.27 -47.88 -0.67
C THR B 80 9.14 -48.27 -1.63
N ARG B 81 9.44 -48.42 -2.95
CA ARG B 81 8.49 -48.76 -4.02
C ARG B 81 7.49 -47.60 -4.23
N GLU B 82 7.99 -46.38 -4.15
CA GLU B 82 7.16 -45.20 -4.37
C GLU B 82 7.85 -44.37 -5.42
N ASN B 83 7.05 -43.67 -6.21
CA ASN B 83 7.56 -42.73 -7.18
C ASN B 83 7.88 -41.44 -6.40
N VAL B 84 9.03 -40.85 -6.72
CA VAL B 84 9.61 -39.68 -6.08
C VAL B 84 10.04 -38.70 -7.16
N ALA B 85 10.44 -37.47 -6.75
CA ALA B 85 10.98 -36.46 -7.65
C ALA B 85 12.51 -36.45 -7.43
N LEU B 86 13.27 -36.48 -8.52
CA LEU B 86 14.72 -36.48 -8.46
C LEU B 86 15.28 -35.26 -9.19
N LYS B 87 15.86 -34.32 -8.42
CA LYS B 87 16.39 -33.08 -8.98
C LYS B 87 17.91 -33.17 -9.07
N VAL B 88 18.46 -32.92 -10.26
CA VAL B 88 19.90 -33.04 -10.50
C VAL B 88 20.50 -31.80 -11.21
N GLU B 89 21.75 -31.50 -10.88
CA GLU B 89 22.47 -30.45 -11.60
C GLU B 89 23.85 -31.01 -11.94
N SER B 90 24.30 -30.79 -13.18
CA SER B 90 25.63 -31.20 -13.61
C SER B 90 26.68 -30.55 -12.71
N ALA B 91 27.70 -31.34 -12.28
CA ALA B 91 28.78 -30.84 -11.43
C ALA B 91 29.77 -29.98 -12.23
N GLN B 92 29.64 -29.99 -13.57
CA GLN B 92 30.46 -29.14 -14.46
C GLN B 92 29.62 -27.96 -14.97
N GLN B 93 29.06 -27.21 -14.00
CA GLN B 93 28.24 -26.01 -14.17
C GLN B 93 28.84 -24.93 -13.23
N PRO B 94 28.98 -23.65 -13.68
CA PRO B 94 29.59 -22.64 -12.80
C PRO B 94 28.80 -22.34 -11.52
N LYS B 95 27.48 -22.05 -11.68
CA LYS B 95 26.61 -21.78 -10.54
C LYS B 95 26.02 -23.09 -10.00
N GLN B 96 26.53 -23.53 -8.85
CA GLN B 96 26.08 -24.74 -8.16
C GLN B 96 25.05 -24.30 -7.13
N VAL B 97 23.76 -24.60 -7.40
CA VAL B 97 22.63 -24.19 -6.55
C VAL B 97 22.01 -25.29 -5.69
N LEU B 98 22.21 -26.58 -6.03
CA LEU B 98 21.63 -27.70 -5.26
C LEU B 98 22.01 -27.75 -3.80
N LYS B 99 23.23 -27.33 -3.46
CA LYS B 99 23.74 -27.27 -2.07
C LYS B 99 22.79 -26.40 -1.22
N MET B 100 22.42 -25.23 -1.77
CA MET B 100 21.49 -24.28 -1.17
C MET B 100 20.09 -24.91 -1.05
N GLU B 101 19.60 -25.46 -2.17
CA GLU B 101 18.31 -26.14 -2.32
C GLU B 101 18.09 -27.19 -1.22
N VAL B 102 19.12 -28.04 -0.94
CA VAL B 102 19.08 -29.09 0.09
C VAL B 102 18.97 -28.46 1.48
N ALA B 103 19.83 -27.43 1.74
CA ALA B 103 19.85 -26.71 3.03
C ALA B 103 18.48 -26.09 3.37
N VAL B 104 17.84 -25.45 2.40
CA VAL B 104 16.53 -24.82 2.57
C VAL B 104 15.45 -25.90 2.79
N LEU B 105 15.43 -26.92 1.91
CA LEU B 105 14.49 -28.05 1.99
C LEU B 105 14.57 -28.70 3.35
N LYS B 106 15.79 -28.93 3.86
CA LYS B 106 15.99 -29.55 5.18
C LYS B 106 15.47 -28.65 6.30
N LYS B 107 15.73 -27.33 6.20
CA LYS B 107 15.27 -26.33 7.20
C LYS B 107 13.75 -26.25 7.28
N LEU B 108 13.06 -26.48 6.14
CA LEU B 108 11.60 -26.37 6.03
C LEU B 108 10.85 -27.63 6.42
N GLN B 109 11.55 -28.75 6.69
CA GLN B 109 10.96 -30.01 7.09
C GLN B 109 10.15 -29.77 8.36
N GLY B 110 8.91 -30.16 8.36
CA GLY B 110 8.02 -29.90 9.49
C GLY B 110 6.99 -28.83 9.15
N LYS B 111 7.33 -27.93 8.19
CA LYS B 111 6.41 -26.88 7.75
C LYS B 111 5.41 -27.47 6.75
N ASP B 112 4.22 -26.89 6.70
CA ASP B 112 3.21 -27.30 5.74
C ASP B 112 3.62 -26.73 4.36
N HIS B 113 3.06 -27.27 3.27
CA HIS B 113 3.32 -26.87 1.88
C HIS B 113 4.73 -27.19 1.36
N VAL B 114 5.47 -28.08 2.05
CA VAL B 114 6.83 -28.43 1.62
C VAL B 114 6.99 -29.94 1.39
N CYS B 115 7.69 -30.33 0.32
CA CYS B 115 8.00 -31.73 -0.02
C CYS B 115 8.82 -32.36 1.08
N ARG B 116 8.52 -33.61 1.39
CA ARG B 116 9.32 -34.38 2.35
C ARG B 116 10.69 -34.62 1.71
N PHE B 117 11.75 -34.39 2.50
CA PHE B 117 13.13 -34.64 2.07
C PHE B 117 13.35 -36.17 2.08
N ILE B 118 13.89 -36.75 0.99
CA ILE B 118 14.14 -38.21 0.91
C ILE B 118 15.63 -38.54 0.94
N GLY B 119 16.42 -37.80 0.17
CA GLY B 119 17.87 -37.98 0.14
C GLY B 119 18.57 -36.98 -0.76
N CYS B 120 19.90 -37.01 -0.75
CA CYS B 120 20.73 -36.14 -1.58
C CYS B 120 22.12 -36.76 -1.72
N GLY B 121 22.88 -36.23 -2.64
CA GLY B 121 24.25 -36.67 -2.83
C GLY B 121 24.97 -35.86 -3.86
N ARG B 122 26.25 -36.13 -3.99
CA ARG B 122 27.10 -35.46 -4.96
C ARG B 122 28.23 -36.36 -5.39
N ASN B 123 28.63 -36.20 -6.64
CA ASN B 123 29.73 -36.93 -7.28
C ASN B 123 30.33 -36.03 -8.37
N GLU B 124 31.39 -36.52 -9.02
CA GLU B 124 32.19 -35.87 -10.05
C GLU B 124 31.37 -35.41 -11.26
N LYS B 125 30.24 -36.08 -11.53
CA LYS B 125 29.41 -35.74 -12.68
C LYS B 125 28.17 -34.91 -12.36
N PHE B 126 27.52 -35.15 -11.21
CA PHE B 126 26.28 -34.44 -10.84
C PHE B 126 26.03 -34.40 -9.34
N ASN B 127 25.13 -33.49 -8.93
CA ASN B 127 24.64 -33.32 -7.55
C ASN B 127 23.16 -33.65 -7.68
N TYR B 128 22.54 -34.20 -6.64
CA TYR B 128 21.11 -34.54 -6.72
C TYR B 128 20.37 -34.38 -5.41
N VAL B 129 19.04 -34.18 -5.47
CA VAL B 129 18.12 -34.14 -4.32
C VAL B 129 16.97 -35.07 -4.64
N VAL B 130 16.50 -35.80 -3.65
CA VAL B 130 15.37 -36.70 -3.74
C VAL B 130 14.32 -36.17 -2.78
N MET B 131 13.12 -36.00 -3.27
CA MET B 131 12.02 -35.45 -2.48
C MET B 131 10.70 -36.07 -2.94
N GLN B 132 9.65 -35.84 -2.14
CA GLN B 132 8.29 -36.23 -2.39
C GLN B 132 7.83 -35.70 -3.74
N LEU B 133 7.20 -36.57 -4.55
CA LEU B 133 6.66 -36.22 -5.85
C LEU B 133 5.28 -35.59 -5.65
N GLN B 134 5.00 -34.50 -6.37
CA GLN B 134 3.70 -33.84 -6.31
C GLN B 134 3.00 -33.99 -7.66
N GLY B 135 1.78 -33.45 -7.74
CA GLY B 135 0.96 -33.47 -8.94
C GLY B 135 1.28 -32.33 -9.89
N ARG B 136 0.25 -31.82 -10.56
CA ARG B 136 0.42 -30.74 -11.54
C ARG B 136 0.75 -29.37 -10.93
N ASN B 137 1.61 -28.61 -11.60
CA ASN B 137 1.96 -27.27 -11.13
C ASN B 137 0.82 -26.27 -11.48
N LEU B 138 0.77 -25.13 -10.79
CA LEU B 138 -0.30 -24.13 -10.99
C LEU B 138 -0.34 -23.46 -12.37
N ALA B 139 0.81 -23.33 -13.06
CA ALA B 139 0.86 -22.73 -14.40
C ALA B 139 0.08 -23.59 -15.42
N ASP B 140 0.36 -24.91 -15.41
CA ASP B 140 -0.26 -25.94 -16.23
C ASP B 140 -1.77 -26.05 -15.87
N LEU B 141 -2.11 -26.10 -14.56
CA LEU B 141 -3.51 -26.13 -14.12
C LEU B 141 -4.32 -24.90 -14.59
N ARG B 142 -3.71 -23.68 -14.52
CA ARG B 142 -4.36 -22.43 -14.95
C ARG B 142 -4.59 -22.42 -16.47
N ARG B 143 -3.55 -22.78 -17.26
CA ARG B 143 -3.57 -22.84 -18.72
C ARG B 143 -4.69 -23.74 -19.22
N SER B 144 -4.95 -24.85 -18.49
CA SER B 144 -5.95 -25.85 -18.83
C SER B 144 -7.39 -25.41 -18.55
N GLN B 145 -7.57 -24.28 -17.86
CA GLN B 145 -8.88 -23.71 -17.57
C GLN B 145 -9.49 -23.15 -18.86
N PRO B 146 -10.84 -23.27 -19.06
CA PRO B 146 -11.46 -22.78 -20.30
C PRO B 146 -11.04 -21.40 -20.80
N ARG B 147 -11.00 -20.39 -19.89
CA ARG B 147 -10.60 -19.03 -20.26
C ARG B 147 -9.19 -18.64 -19.75
N GLY B 148 -8.44 -19.63 -19.29
CA GLY B 148 -7.11 -19.45 -18.73
C GLY B 148 -7.16 -18.76 -17.38
N THR B 149 -8.32 -18.81 -16.72
CA THR B 149 -8.54 -18.15 -15.45
C THR B 149 -9.10 -19.13 -14.46
N PHE B 150 -8.77 -18.94 -13.19
CA PHE B 150 -9.37 -19.70 -12.12
C PHE B 150 -10.54 -18.85 -11.63
N THR B 151 -11.44 -19.43 -10.85
CA THR B 151 -12.52 -18.70 -10.22
C THR B 151 -11.89 -17.99 -9.00
N LEU B 152 -12.63 -17.07 -8.33
CA LEU B 152 -12.13 -16.39 -7.14
C LEU B 152 -12.03 -17.39 -6.02
N SER B 153 -12.93 -18.39 -5.99
CA SER B 153 -12.85 -19.44 -4.97
C SER B 153 -11.48 -20.17 -5.04
N THR B 154 -10.96 -20.45 -6.27
CA THR B 154 -9.68 -21.14 -6.44
C THR B 154 -8.52 -20.18 -6.20
N THR B 155 -8.54 -19.01 -6.86
CA THR B 155 -7.55 -17.95 -6.73
C THR B 155 -7.25 -17.62 -5.24
N LEU B 156 -8.31 -17.34 -4.46
CA LEU B 156 -8.22 -16.98 -3.05
C LEU B 156 -7.71 -18.09 -2.14
N ARG B 157 -8.20 -19.34 -2.33
CA ARG B 157 -7.74 -20.48 -1.51
C ARG B 157 -6.29 -20.85 -1.85
N LEU B 158 -5.90 -20.69 -3.12
CA LEU B 158 -4.50 -20.89 -3.52
C LEU B 158 -3.62 -19.76 -2.97
N GLY B 159 -4.15 -18.52 -2.95
CA GLY B 159 -3.49 -17.34 -2.40
C GLY B 159 -3.10 -17.52 -0.95
N LYS B 160 -4.03 -18.03 -0.12
CA LYS B 160 -3.87 -18.33 1.31
C LYS B 160 -2.73 -19.33 1.53
N GLN B 161 -2.75 -20.44 0.73
CA GLN B 161 -1.75 -21.53 0.80
C GLN B 161 -0.38 -21.03 0.42
N ILE B 162 -0.27 -20.29 -0.71
CA ILE B 162 1.00 -19.72 -1.17
C ILE B 162 1.54 -18.74 -0.11
N LEU B 163 0.67 -17.86 0.47
CA LEU B 163 1.08 -16.93 1.52
C LEU B 163 1.63 -17.67 2.72
N GLU B 164 0.99 -18.76 3.14
CA GLU B 164 1.49 -19.59 4.24
C GLU B 164 2.89 -20.17 3.92
N SER B 165 3.11 -20.59 2.63
CA SER B 165 4.40 -21.08 2.12
C SER B 165 5.47 -19.99 2.24
N ILE B 166 5.15 -18.77 1.79
CA ILE B 166 6.07 -17.62 1.79
C ILE B 166 6.46 -17.27 3.23
N GLU B 167 5.46 -17.24 4.14
CA GLU B 167 5.61 -16.99 5.58
C GLU B 167 6.62 -17.99 6.15
N ALA B 168 6.41 -19.30 5.83
CA ALA B 168 7.23 -20.42 6.29
C ALA B 168 8.70 -20.28 5.86
N ILE B 169 8.95 -19.96 4.57
CA ILE B 169 10.33 -19.77 4.13
C ILE B 169 11.02 -18.55 4.81
N HIS B 170 10.32 -17.38 4.89
CA HIS B 170 10.84 -16.17 5.55
C HIS B 170 11.14 -16.41 7.03
N SER B 171 10.29 -17.22 7.71
CA SER B 171 10.45 -17.61 9.12
C SER B 171 11.75 -18.39 9.42
N VAL B 172 12.35 -19.05 8.39
CA VAL B 172 13.61 -19.78 8.58
C VAL B 172 14.81 -18.96 8.09
N GLY B 173 14.55 -17.71 7.69
CA GLY B 173 15.61 -16.78 7.29
C GLY B 173 15.93 -16.77 5.83
N PHE B 174 15.06 -17.32 4.97
CA PHE B 174 15.35 -17.35 3.53
C PHE B 174 14.31 -16.68 2.67
N LEU B 175 14.75 -16.12 1.55
CA LEU B 175 13.84 -15.59 0.54
C LEU B 175 13.76 -16.68 -0.54
N HIS B 176 12.61 -16.82 -1.21
CA HIS B 176 12.46 -17.79 -2.29
C HIS B 176 13.09 -17.21 -3.55
N ARG B 177 12.68 -15.96 -3.91
CA ARG B 177 13.16 -15.17 -5.05
C ARG B 177 12.71 -15.62 -6.44
N ASP B 178 11.91 -16.70 -6.52
CA ASP B 178 11.42 -17.19 -7.81
C ASP B 178 9.98 -17.68 -7.65
N ILE B 179 9.15 -16.89 -6.94
CA ILE B 179 7.73 -17.16 -6.73
C ILE B 179 7.00 -16.97 -8.07
N LYS B 180 6.42 -18.07 -8.57
CA LYS B 180 5.69 -18.15 -9.85
C LYS B 180 4.77 -19.39 -9.87
N PRO B 181 3.73 -19.45 -10.76
CA PRO B 181 2.80 -20.60 -10.73
C PRO B 181 3.45 -21.97 -10.95
N SER B 182 4.50 -22.08 -11.77
CA SER B 182 5.18 -23.37 -12.00
C SER B 182 6.02 -23.86 -10.81
N ASN B 183 6.25 -22.99 -9.79
CA ASN B 183 6.98 -23.37 -8.57
C ASN B 183 6.08 -23.74 -7.43
N PHE B 184 4.80 -24.01 -7.74
CA PHE B 184 3.77 -24.47 -6.82
C PHE B 184 3.03 -25.63 -7.47
N ALA B 185 2.74 -26.69 -6.72
CA ALA B 185 2.06 -27.86 -7.28
C ALA B 185 1.12 -28.47 -6.28
N MET B 186 -0.01 -29.00 -6.78
CA MET B 186 -0.98 -29.70 -5.94
C MET B 186 -0.47 -31.08 -5.62
N GLY B 187 -0.92 -31.65 -4.51
CA GLY B 187 -0.55 -33.00 -4.13
C GLY B 187 -1.18 -34.03 -5.05
N ARG B 188 -0.72 -35.27 -4.93
CA ARG B 188 -1.22 -36.37 -5.74
C ARG B 188 -1.75 -37.56 -4.92
N LEU B 189 -1.74 -37.46 -3.59
CA LEU B 189 -2.21 -38.55 -2.75
C LEU B 189 -3.62 -38.27 -2.20
N PRO B 190 -4.37 -39.27 -1.65
CA PRO B 190 -5.71 -38.96 -1.13
C PRO B 190 -5.66 -37.98 0.06
N SER B 191 -4.57 -38.01 0.83
CA SER B 191 -4.34 -37.15 1.98
C SER B 191 -3.66 -35.79 1.62
N THR B 192 -3.34 -35.53 0.32
CA THR B 192 -2.58 -34.33 -0.09
C THR B 192 -3.07 -33.61 -1.34
N TYR B 193 -4.06 -34.17 -2.08
CA TYR B 193 -4.49 -33.61 -3.37
C TYR B 193 -5.13 -32.19 -3.32
N ARG B 194 -5.55 -31.76 -2.13
CA ARG B 194 -6.08 -30.39 -1.97
C ARG B 194 -4.99 -29.48 -1.31
N LYS B 195 -3.75 -30.01 -1.15
CA LYS B 195 -2.62 -29.26 -0.59
C LYS B 195 -1.73 -28.72 -1.70
N CYS B 196 -1.33 -27.45 -1.57
CA CYS B 196 -0.47 -26.77 -2.50
C CYS B 196 0.95 -26.74 -1.91
N TYR B 197 1.95 -27.09 -2.71
CA TYR B 197 3.34 -27.20 -2.27
C TYR B 197 4.19 -26.22 -2.97
N MET B 198 5.12 -25.64 -2.23
CA MET B 198 6.11 -24.71 -2.75
C MET B 198 7.30 -25.57 -3.21
N LEU B 199 7.82 -25.26 -4.41
CA LEU B 199 8.95 -25.96 -5.02
C LEU B 199 10.10 -25.02 -5.34
N ASP B 200 11.26 -25.62 -5.68
CA ASP B 200 12.45 -24.94 -6.18
C ASP B 200 13.07 -23.89 -5.26
N PHE B 201 13.97 -24.34 -4.39
CA PHE B 201 14.72 -23.50 -3.45
C PHE B 201 16.11 -23.19 -3.98
N GLY B 202 16.32 -23.46 -5.27
CA GLY B 202 17.60 -23.25 -5.95
C GLY B 202 18.04 -21.80 -6.03
N LEU B 203 17.07 -20.89 -6.14
CA LEU B 203 17.32 -19.44 -6.24
C LEU B 203 17.21 -18.73 -4.89
N ALA B 204 17.03 -19.50 -3.79
CA ALA B 204 16.88 -18.95 -2.44
C ALA B 204 18.14 -18.30 -1.91
N ARG B 205 17.95 -17.29 -1.02
CA ARG B 205 19.03 -16.58 -0.36
C ARG B 205 18.64 -16.30 1.07
N GLN B 206 19.56 -16.51 2.00
CA GLN B 206 19.38 -16.18 3.41
C GLN B 206 19.43 -14.64 3.49
N TYR B 207 18.39 -14.00 4.05
CA TYR B 207 18.31 -12.53 4.12
C TYR B 207 18.70 -12.05 5.54
N THR B 208 18.86 -13.02 6.46
CA THR B 208 19.24 -12.76 7.83
C THR B 208 20.76 -12.86 8.00
N ASN B 209 21.29 -12.25 9.07
CA ASN B 209 22.70 -12.34 9.43
C ASN B 209 22.77 -13.34 10.62
N THR B 210 23.95 -13.48 11.23
CA THR B 210 24.23 -14.37 12.36
C THR B 210 23.32 -14.14 13.57
N THR B 211 23.01 -12.87 13.87
CA THR B 211 22.16 -12.50 15.01
C THR B 211 20.64 -12.62 14.72
N GLY B 212 20.28 -12.93 13.47
CA GLY B 212 18.88 -13.08 13.07
C GLY B 212 18.24 -11.80 12.57
N ASP B 213 19.05 -10.75 12.35
CA ASP B 213 18.52 -9.50 11.80
C ASP B 213 18.75 -9.50 10.28
N VAL B 214 18.13 -8.56 9.56
CA VAL B 214 18.27 -8.40 8.12
C VAL B 214 19.74 -8.05 7.79
N ARG B 215 20.35 -8.84 6.91
CA ARG B 215 21.74 -8.63 6.53
C ARG B 215 21.90 -7.43 5.57
N PRO B 216 23.09 -6.79 5.54
CA PRO B 216 23.28 -5.68 4.61
C PRO B 216 23.07 -6.12 3.16
N PRO B 217 22.33 -5.34 2.35
CA PRO B 217 22.15 -5.73 0.94
C PRO B 217 23.46 -5.57 0.17
N ARG B 218 23.65 -6.33 -0.95
CA ARG B 218 24.85 -6.26 -1.81
C ARG B 218 24.72 -5.12 -2.83
N ASN B 219 25.88 -4.56 -3.31
CA ASN B 219 26.02 -3.43 -4.26
C ASN B 219 25.07 -3.54 -5.44
N VAL B 220 25.05 -4.74 -6.04
CA VAL B 220 24.17 -5.17 -7.12
C VAL B 220 23.98 -6.66 -6.89
N ALA B 221 22.73 -7.12 -7.03
CA ALA B 221 22.35 -8.51 -6.93
C ALA B 221 21.86 -8.91 -8.32
N GLY B 222 22.52 -9.87 -8.94
CA GLY B 222 22.19 -10.35 -10.28
C GLY B 222 20.86 -11.10 -10.31
N PHE B 223 19.89 -10.56 -11.07
CA PHE B 223 18.55 -11.16 -11.20
C PHE B 223 18.56 -12.44 -12.06
N ARG B 224 18.34 -13.60 -11.41
CA ARG B 224 18.33 -14.91 -12.07
C ARG B 224 16.91 -15.49 -12.22
N GLY B 225 15.94 -14.92 -11.50
CA GLY B 225 14.54 -15.30 -11.47
C GLY B 225 13.74 -15.21 -12.76
N THR B 226 12.40 -15.20 -12.64
CA THR B 226 11.47 -15.17 -13.78
C THR B 226 10.92 -13.78 -14.05
N VAL B 227 11.09 -13.31 -15.29
CA VAL B 227 10.71 -11.99 -15.79
C VAL B 227 9.26 -11.56 -15.53
N ARG B 228 8.27 -12.40 -15.87
CA ARG B 228 6.84 -12.07 -15.70
C ARG B 228 6.38 -11.66 -14.29
N TYR B 229 6.84 -12.38 -13.26
CA TYR B 229 6.42 -12.21 -11.86
C TYR B 229 7.39 -11.44 -10.98
N ALA B 230 8.51 -10.97 -11.53
CA ALA B 230 9.52 -10.23 -10.79
C ALA B 230 9.04 -8.84 -10.43
N SER B 231 9.35 -8.38 -9.20
CA SER B 231 8.99 -7.02 -8.77
C SER B 231 9.90 -6.03 -9.52
N VAL B 232 9.54 -4.74 -9.47
CA VAL B 232 10.35 -3.66 -10.08
C VAL B 232 11.76 -3.62 -9.43
N ASN B 233 11.87 -4.03 -8.15
CA ASN B 233 13.15 -4.09 -7.42
C ASN B 233 14.11 -5.11 -8.01
N ALA B 234 13.60 -6.31 -8.38
CA ALA B 234 14.41 -7.37 -9.03
C ALA B 234 14.84 -6.89 -10.43
N HIS B 235 13.98 -6.10 -11.10
CA HIS B 235 14.25 -5.52 -12.42
C HIS B 235 15.37 -4.46 -12.34
N LYS B 236 15.34 -3.58 -11.32
CA LYS B 236 16.35 -2.55 -11.08
C LYS B 236 17.68 -3.14 -10.50
N ASN B 237 17.84 -4.49 -10.52
CA ASN B 237 19.01 -5.22 -9.98
C ASN B 237 19.31 -4.98 -8.48
N ARG B 238 18.30 -4.49 -7.71
CA ARG B 238 18.40 -4.22 -6.28
C ARG B 238 18.35 -5.54 -5.50
N GLU B 239 18.93 -5.58 -4.30
CA GLU B 239 18.88 -6.76 -3.44
C GLU B 239 17.42 -6.99 -3.08
N MET B 240 16.96 -8.21 -3.34
CA MET B 240 15.57 -8.56 -3.07
C MET B 240 15.33 -8.74 -1.59
N GLY B 241 14.11 -8.44 -1.17
CA GLY B 241 13.65 -8.58 0.20
C GLY B 241 12.42 -9.44 0.28
N ARG B 242 11.84 -9.53 1.48
CA ARG B 242 10.62 -10.30 1.76
C ARG B 242 9.41 -9.83 0.93
N HIS B 243 9.28 -8.50 0.79
CA HIS B 243 8.21 -7.85 0.01
C HIS B 243 8.24 -8.22 -1.47
N ASP B 244 9.42 -8.53 -2.04
CA ASP B 244 9.58 -8.92 -3.45
C ASP B 244 8.95 -10.29 -3.73
N ASP B 245 8.96 -11.20 -2.74
CA ASP B 245 8.29 -12.51 -2.82
C ASP B 245 6.79 -12.24 -2.80
N LEU B 246 6.37 -11.22 -2.02
CA LEU B 246 4.96 -10.86 -1.92
C LEU B 246 4.44 -10.18 -3.19
N TRP B 247 5.30 -9.43 -3.91
CA TRP B 247 4.98 -8.82 -5.19
C TRP B 247 4.70 -9.90 -6.24
N SER B 248 5.52 -10.97 -6.25
CA SER B 248 5.34 -12.11 -7.16
C SER B 248 4.02 -12.80 -6.85
N LEU B 249 3.69 -12.95 -5.55
CA LEU B 249 2.40 -13.48 -5.14
C LEU B 249 1.27 -12.58 -5.70
N PHE B 250 1.38 -11.24 -5.53
CA PHE B 250 0.39 -10.26 -6.05
C PHE B 250 0.13 -10.47 -7.55
N TYR B 251 1.22 -10.49 -8.35
CA TYR B 251 1.18 -10.68 -9.81
C TYR B 251 0.52 -12.01 -10.22
N MET B 252 0.87 -13.10 -9.49
CA MET B 252 0.32 -14.46 -9.71
C MET B 252 -1.18 -14.44 -9.55
N LEU B 253 -1.68 -13.83 -8.44
CA LEU B 253 -3.12 -13.80 -8.17
C LEU B 253 -3.93 -12.99 -9.15
N VAL B 254 -3.32 -11.96 -9.75
CA VAL B 254 -3.97 -11.14 -10.78
C VAL B 254 -4.07 -11.98 -12.05
N GLU B 255 -2.99 -12.69 -12.39
CA GLU B 255 -2.96 -13.60 -13.55
C GLU B 255 -3.96 -14.76 -13.37
N PHE B 256 -4.11 -15.29 -12.13
CA PHE B 256 -5.06 -16.36 -11.83
C PHE B 256 -6.51 -15.91 -12.09
N ALA B 257 -6.88 -14.73 -11.55
CA ALA B 257 -8.23 -14.17 -11.63
C ALA B 257 -8.59 -13.52 -12.96
N VAL B 258 -7.63 -12.92 -13.66
CA VAL B 258 -7.82 -12.20 -14.92
C VAL B 258 -7.46 -13.05 -16.16
N GLY B 259 -6.53 -13.99 -15.99
CA GLY B 259 -6.09 -14.88 -17.06
C GLY B 259 -4.88 -14.37 -17.77
N GLN B 260 -4.45 -13.15 -17.41
CA GLN B 260 -3.28 -12.51 -18.00
C GLN B 260 -2.75 -11.31 -17.22
N LEU B 261 -1.51 -10.93 -17.54
CA LEU B 261 -0.81 -9.77 -17.01
C LEU B 261 -0.54 -8.83 -18.19
N PRO B 262 -0.52 -7.49 -18.00
CA PRO B 262 -0.32 -6.58 -19.15
C PRO B 262 0.96 -6.73 -19.97
N TRP B 263 2.00 -7.36 -19.38
CA TRP B 263 3.30 -7.54 -20.01
C TRP B 263 3.57 -9.01 -20.45
N ARG B 264 2.50 -9.86 -20.52
CA ARG B 264 2.59 -11.29 -20.89
C ARG B 264 3.32 -11.61 -22.21
N LYS B 265 3.01 -10.85 -23.28
CA LYS B 265 3.55 -11.05 -24.63
C LYS B 265 4.95 -10.47 -24.85
N ILE B 266 5.49 -9.71 -23.88
CA ILE B 266 6.82 -9.11 -23.97
C ILE B 266 7.88 -10.05 -23.39
N LYS B 267 8.95 -10.30 -24.16
CA LYS B 267 10.06 -11.19 -23.78
C LYS B 267 11.21 -10.46 -23.10
N ASP B 268 11.56 -9.23 -23.57
CA ASP B 268 12.65 -8.42 -23.03
C ASP B 268 12.45 -8.01 -21.57
N LYS B 269 13.45 -8.36 -20.73
CA LYS B 269 13.54 -8.10 -19.29
C LYS B 269 13.41 -6.60 -18.99
N GLU B 270 14.24 -5.76 -19.65
CA GLU B 270 14.26 -4.30 -19.49
C GLU B 270 12.94 -3.64 -19.89
N GLN B 271 12.31 -4.17 -20.96
CA GLN B 271 11.03 -3.67 -21.47
C GLN B 271 9.90 -4.00 -20.47
N VAL B 272 9.92 -5.23 -19.89
CA VAL B 272 8.95 -5.68 -18.87
C VAL B 272 9.10 -4.82 -17.61
N GLY B 273 10.33 -4.58 -17.19
CA GLY B 273 10.66 -3.73 -16.04
C GLY B 273 10.10 -2.32 -16.15
N MET B 274 10.31 -1.69 -17.33
CA MET B 274 9.82 -0.35 -17.69
C MET B 274 8.29 -0.32 -17.67
N ILE B 275 7.62 -1.37 -18.19
CA ILE B 275 6.16 -1.47 -18.20
C ILE B 275 5.63 -1.47 -16.76
N LYS B 276 6.17 -2.36 -15.90
CA LYS B 276 5.81 -2.50 -14.49
C LYS B 276 6.06 -1.20 -13.70
N GLU B 277 7.20 -0.53 -13.95
CA GLU B 277 7.60 0.72 -13.31
C GLU B 277 6.64 1.87 -13.64
N LYS B 278 6.21 1.94 -14.92
CA LYS B 278 5.29 2.96 -15.43
C LYS B 278 3.82 2.61 -15.21
N TYR B 279 3.50 1.29 -15.13
CA TYR B 279 2.14 0.80 -14.97
C TYR B 279 1.50 1.26 -13.68
N GLU B 280 0.26 1.76 -13.78
CA GLU B 280 -0.49 2.19 -12.62
C GLU B 280 -1.09 0.90 -12.05
N HIS B 281 -0.42 0.36 -11.01
CA HIS B 281 -0.80 -0.89 -10.34
C HIS B 281 -2.23 -0.96 -9.83
N ARG B 282 -2.89 0.20 -9.61
CA ARG B 282 -4.30 0.26 -9.20
C ARG B 282 -5.24 -0.27 -10.32
N MET B 283 -4.77 -0.22 -11.60
CA MET B 283 -5.48 -0.76 -12.78
C MET B 283 -5.52 -2.31 -12.70
N LEU B 284 -4.50 -2.94 -12.06
CA LEU B 284 -4.43 -4.40 -11.87
C LEU B 284 -5.52 -4.88 -10.92
N LEU B 285 -6.08 -3.99 -10.07
CA LEU B 285 -7.14 -4.31 -9.10
C LEU B 285 -8.55 -4.32 -9.73
N LYS B 286 -8.68 -3.93 -11.02
CA LYS B 286 -9.96 -3.81 -11.73
C LYS B 286 -10.95 -4.96 -11.54
N HIS B 287 -10.52 -6.21 -11.76
CA HIS B 287 -11.40 -7.37 -11.63
C HIS B 287 -11.06 -8.26 -10.42
N MET B 288 -10.37 -7.66 -9.43
CA MET B 288 -9.96 -8.31 -8.19
C MET B 288 -10.92 -7.97 -7.07
N PRO B 289 -11.03 -8.77 -5.98
CA PRO B 289 -11.85 -8.32 -4.84
C PRO B 289 -11.35 -6.96 -4.32
N SER B 290 -12.29 -6.06 -3.93
CA SER B 290 -12.01 -4.68 -3.47
C SER B 290 -10.88 -4.56 -2.41
N GLU B 291 -10.85 -5.52 -1.46
CA GLU B 291 -9.84 -5.58 -0.38
C GLU B 291 -8.41 -5.77 -0.87
N PHE B 292 -8.21 -6.09 -2.17
CA PHE B 292 -6.87 -6.22 -2.73
C PHE B 292 -6.15 -4.85 -2.76
N HIS B 293 -6.92 -3.74 -2.55
CA HIS B 293 -6.43 -2.36 -2.44
C HIS B 293 -5.48 -2.29 -1.25
N LEU B 294 -5.83 -2.96 -0.12
CA LEU B 294 -5.04 -3.04 1.11
C LEU B 294 -3.77 -3.84 0.89
N PHE B 295 -3.87 -4.94 0.11
CA PHE B 295 -2.77 -5.83 -0.19
C PHE B 295 -1.74 -5.05 -1.01
N LEU B 296 -2.17 -4.43 -2.12
CA LEU B 296 -1.29 -3.64 -2.98
C LEU B 296 -0.65 -2.45 -2.23
N ASP B 297 -1.46 -1.71 -1.46
CA ASP B 297 -1.00 -0.53 -0.69
C ASP B 297 0.07 -0.93 0.32
N HIS B 298 -0.12 -2.06 1.03
CA HIS B 298 0.87 -2.52 2.01
C HIS B 298 2.21 -2.89 1.39
N ILE B 299 2.20 -3.68 0.31
CA ILE B 299 3.43 -4.14 -0.34
C ILE B 299 4.17 -3.01 -1.06
N ALA B 300 3.42 -2.03 -1.60
CA ALA B 300 4.02 -0.87 -2.26
C ALA B 300 4.71 0.07 -1.24
N SER B 301 4.38 -0.06 0.04
CA SER B 301 4.93 0.76 1.12
C SER B 301 6.15 0.12 1.81
N LEU B 302 6.40 -1.17 1.52
CA LEU B 302 7.52 -1.90 2.11
C LEU B 302 8.84 -1.64 1.44
N ASP B 303 9.92 -1.97 2.14
CA ASP B 303 11.27 -1.92 1.55
C ASP B 303 12.06 -3.15 2.00
N TYR B 304 13.33 -3.27 1.61
CA TYR B 304 14.20 -4.38 1.95
C TYR B 304 14.35 -4.62 3.47
N PHE B 305 14.42 -3.53 4.24
CA PHE B 305 14.65 -3.56 5.67
C PHE B 305 13.42 -3.77 6.54
N THR B 306 12.21 -3.55 6.01
CA THR B 306 10.99 -3.69 6.82
C THR B 306 10.26 -5.03 6.70
N LYS B 307 9.84 -5.55 7.85
CA LYS B 307 9.10 -6.80 7.96
C LYS B 307 7.68 -6.64 7.43
N PRO B 308 7.23 -7.51 6.49
CA PRO B 308 5.85 -7.39 5.99
C PRO B 308 4.81 -7.75 7.04
N ASP B 309 3.58 -7.25 6.84
CA ASP B 309 2.46 -7.60 7.71
C ASP B 309 1.70 -8.73 7.01
N TYR B 310 2.16 -9.98 7.23
CA TYR B 310 1.56 -11.18 6.62
C TYR B 310 0.10 -11.34 7.02
N GLN B 311 -0.21 -11.07 8.31
CA GLN B 311 -1.57 -11.12 8.86
C GLN B 311 -2.53 -10.20 8.10
N LEU B 312 -2.06 -8.98 7.71
CA LEU B 312 -2.85 -8.04 6.91
C LEU B 312 -3.26 -8.68 5.58
N ILE B 313 -2.30 -9.28 4.85
CA ILE B 313 -2.51 -9.94 3.54
C ILE B 313 -3.41 -11.18 3.71
N MET B 314 -3.20 -11.96 4.78
CA MET B 314 -4.05 -13.12 5.11
C MET B 314 -5.51 -12.68 5.32
N SER B 315 -5.72 -11.53 6.01
CA SER B 315 -7.05 -10.96 6.26
C SER B 315 -7.72 -10.53 4.98
N VAL B 316 -6.96 -9.97 4.01
CA VAL B 316 -7.51 -9.63 2.70
C VAL B 316 -8.16 -10.90 2.09
N PHE B 317 -7.41 -12.02 2.05
CA PHE B 317 -7.85 -13.30 1.47
C PHE B 317 -9.05 -13.87 2.23
N GLU B 318 -8.95 -13.95 3.57
CA GLU B 318 -10.01 -14.47 4.43
C GLU B 318 -11.29 -13.64 4.37
N ASN B 319 -11.18 -12.29 4.26
CA ASN B 319 -12.36 -11.42 4.16
C ASN B 319 -12.95 -11.46 2.76
N SER B 320 -12.11 -11.61 1.72
CA SER B 320 -12.58 -11.71 0.34
C SER B 320 -13.39 -13.02 0.14
N MET B 321 -12.98 -14.08 0.86
CA MET B 321 -13.59 -15.42 0.84
C MET B 321 -14.94 -15.43 1.55
N LYS B 322 -14.94 -14.96 2.83
CA LYS B 322 -16.10 -14.88 3.72
C LYS B 322 -17.28 -14.08 3.11
N GLU B 323 -16.98 -12.93 2.48
CA GLU B 323 -18.01 -12.09 1.86
C GLU B 323 -18.65 -12.72 0.62
N ARG B 324 -17.98 -13.71 0.02
CA ARG B 324 -18.46 -14.42 -1.16
C ARG B 324 -18.98 -15.83 -0.85
N GLY B 325 -19.00 -16.17 0.44
CA GLY B 325 -19.43 -17.47 0.93
C GLY B 325 -18.51 -18.59 0.50
N ILE B 326 -17.20 -18.28 0.33
CA ILE B 326 -16.20 -19.26 -0.07
C ILE B 326 -15.75 -20.04 1.17
N ALA B 327 -15.95 -21.36 1.13
CA ALA B 327 -15.57 -22.26 2.22
C ALA B 327 -14.25 -22.93 1.90
N GLU B 328 -13.49 -23.32 2.94
CA GLU B 328 -12.21 -24.04 2.78
C GLU B 328 -12.45 -25.46 2.26
N ASN B 329 -13.65 -26.03 2.52
CA ASN B 329 -14.06 -27.37 2.09
C ASN B 329 -14.57 -27.42 0.62
N GLU B 330 -14.49 -26.28 -0.10
CA GLU B 330 -14.90 -26.19 -1.49
C GLU B 330 -13.92 -26.93 -2.41
N ALA B 331 -14.39 -27.30 -3.59
CA ALA B 331 -13.60 -28.02 -4.59
C ALA B 331 -12.92 -27.02 -5.48
N PHE B 332 -11.67 -27.32 -5.88
CA PHE B 332 -10.91 -26.46 -6.77
C PHE B 332 -11.43 -26.61 -8.21
N ASP B 333 -11.05 -25.69 -9.10
CA ASP B 333 -11.53 -25.68 -10.47
C ASP B 333 -11.31 -26.94 -11.32
N TRP B 334 -10.18 -27.64 -11.13
CA TRP B 334 -9.82 -28.85 -11.85
C TRP B 334 -10.64 -30.05 -11.39
N GLU B 335 -11.15 -30.00 -10.14
CA GLU B 335 -11.99 -31.03 -9.51
C GLU B 335 -13.46 -31.01 -10.01
N LYS B 336 -13.82 -30.04 -10.87
CA LYS B 336 -15.18 -29.86 -11.39
C LYS B 336 -15.25 -30.23 -12.88
N ALA B 337 -16.28 -31.03 -13.24
CA ALA B 337 -16.57 -31.49 -14.60
C ALA B 337 -17.04 -30.32 -15.48
PB ADP C . -12.66 15.74 -0.61
O1B ADP C . -11.05 15.74 -1.00
O2B ADP C . -13.42 15.97 -2.00
O3B ADP C . -13.00 14.35 0.15
PA ADP C . -13.58 17.84 0.81
O1A ADP C . -12.76 19.09 1.35
O2A ADP C . -14.43 17.22 1.90
O3A ADP C . -12.52 16.91 0.40
O5' ADP C . -14.07 18.20 -0.63
C5' ADP C . -14.71 19.30 -0.70
C4' ADP C . -14.33 20.39 -1.61
O4' ADP C . -15.77 20.79 -1.58
C3' ADP C . -13.61 21.49 -0.75
O3' ADP C . -12.28 21.85 -1.19
C2' ADP C . -14.62 22.65 -0.64
O2' ADP C . -14.53 23.57 -1.78
C1' ADP C . -15.98 21.94 -0.73
N9 ADP C . -16.58 21.62 0.55
C8 ADP C . -16.43 20.51 1.34
N7 ADP C . -17.12 20.60 2.45
C5 ADP C . -17.75 21.86 2.37
C6 ADP C . -18.62 22.58 3.24
N6 ADP C . -19.02 22.15 4.46
N1 ADP C . -19.08 23.81 2.85
C2 ADP C . -18.66 24.36 1.64
N3 ADP C . -17.86 23.75 0.76
C4 ADP C . -17.42 22.50 1.20
P PO4 D . -4.43 3.79 7.42
O1 PO4 D . -4.14 2.32 7.08
O2 PO4 D . -5.12 3.75 8.78
O3 PO4 D . -5.18 4.38 6.26
O4 PO4 D . -3.02 4.52 7.43
P PO4 E . -0.99 25.58 -8.58
O1 PO4 E . -2.13 24.67 -8.01
O2 PO4 E . -0.48 26.38 -7.37
O3 PO4 E . -1.53 26.64 -9.60
O4 PO4 E . 0.11 24.70 -9.29
P PO4 F . 6.72 29.25 -12.79
O1 PO4 F . 5.96 28.22 -11.84
O2 PO4 F . 7.38 30.40 -11.93
O3 PO4 F . 5.73 29.77 -13.90
O4 PO4 F . 7.84 28.46 -13.54
PG ATP G . 11.72 -25.68 -15.04
O1G ATP G . 10.73 -24.88 -14.16
O2G ATP G . 11.02 -26.90 -15.65
O3G ATP G . 12.04 -24.83 -16.27
PB ATP G . 13.76 -26.44 -12.84
O1B ATP G . 14.10 -27.98 -12.80
O2B ATP G . 15.16 -25.71 -12.67
O3B ATP G . 13.13 -25.99 -14.29
PA ATP G . 11.91 -26.87 -10.62
O1A ATP G . 12.53 -27.37 -9.29
O2A ATP G . 10.67 -25.99 -10.13
O3A ATP G . 12.89 -26.02 -11.52
O5' ATP G . 11.14 -28.02 -11.48
C5' ATP G . 10.50 -27.67 -12.71
C4' ATP G . 9.14 -28.33 -12.87
O4' ATP G . 9.21 -29.66 -12.40
C3' ATP G . 8.06 -27.61 -12.04
O3' ATP G . 7.51 -26.51 -12.77
C2' ATP G . 7.09 -28.72 -11.71
O2' ATP G . 6.28 -28.97 -12.93
C1' ATP G . 8.09 -29.89 -11.52
N9 ATP G . 8.49 -30.25 -10.16
C8 ATP G . 9.51 -29.73 -9.39
N7 ATP G . 9.56 -30.31 -8.18
C5 ATP G . 8.56 -31.27 -8.18
C6 ATP G . 8.06 -32.24 -7.25
N6 ATP G . 8.59 -32.44 -5.98
N1 ATP G . 6.99 -33.04 -7.61
C2 ATP G . 6.43 -32.89 -8.83
N3 ATP G . 6.82 -32.02 -9.79
C4 ATP G . 7.88 -31.23 -9.42
P PO4 H . 22.80 -14.45 -6.22
O1 PO4 H . 22.41 -15.46 -5.11
O2 PO4 H . 21.84 -13.17 -6.18
O3 PO4 H . 22.65 -14.97 -7.66
O4 PO4 H . 24.33 -14.20 -5.98
#